data_9C17
#
_entry.id   9C17
#
_cell.length_a   76.024
_cell.length_b   42.137
_cell.length_c   66.150
_cell.angle_alpha   90.000
_cell.angle_beta   108.090
_cell.angle_gamma   90.000
#
_symmetry.space_group_name_H-M   'C 1 2 1'
#
loop_
_entity.id
_entity.type
_entity.pdbx_description
1 polymer 'Flavin reductase (NADPH)'
2 non-polymer 'NADP NICOTINAMIDE-ADENINE-DINUCLEOTIDE PHOSPHATE'
3 non-polymer '4-[(4R,7P)-7-(2-chlorophenyl)imidazo[5,1-b][1,3]thiazol-5-yl]benzoic acid'
4 water water
#
_entity_poly.entity_id   1
_entity_poly.type   'polypeptide(L)'
_entity_poly.pdbx_seq_one_letter_code
;GSRTMAVKKIAIFGATGQTGLTTLAQAVQAGYEVTVLVRDSSRLPSEGPRPAHVVVGDVLQAADVDKTVAGQDAVIVLLG
TRNDLSPTTVMSEGARNIVAAMKAHGVDKVVACTSAFLLWDPTKVPPRLQAVTDDHIRMHKVLRESGLKYVAVMPPHIGD
QPLTGAYTVTLDGRGPSRVISKHDLGHFMLRCLTTDEYDGHSTYPSHQYQ
;
_entity_poly.pdbx_strand_id   A
#
# COMPACT_ATOMS: atom_id res chain seq x y z
N ALA A 6 -15.03 14.38 1.39
CA ALA A 6 -14.31 13.40 0.59
C ALA A 6 -12.81 13.53 0.79
N VAL A 7 -12.08 12.54 0.31
CA VAL A 7 -10.63 12.49 0.43
C VAL A 7 -10.02 13.28 -0.72
N LYS A 8 -9.18 14.26 -0.40
CA LYS A 8 -8.57 15.11 -1.42
C LYS A 8 -7.05 15.05 -1.41
N LYS A 9 -6.44 15.15 -0.24
CA LYS A 9 -4.99 15.12 -0.09
C LYS A 9 -4.56 13.77 0.44
N ILE A 10 -3.65 13.11 -0.27
CA ILE A 10 -3.16 11.80 0.16
C ILE A 10 -1.64 11.78 0.11
N ALA A 11 -1.06 11.03 1.04
CA ALA A 11 0.35 10.65 0.98
C ALA A 11 0.44 9.21 0.47
N ILE A 12 1.39 8.95 -0.41
CA ILE A 12 1.67 7.59 -0.90
C ILE A 12 3.08 7.23 -0.52
N PHE A 13 3.25 6.14 0.23
CA PHE A 13 4.56 5.57 0.50
C PHE A 13 4.82 4.41 -0.46
N GLY A 14 6.03 4.34 -1.00
CA GLY A 14 6.28 3.35 -2.02
C GLY A 14 5.82 3.76 -3.41
N ALA A 15 5.71 5.07 -3.66
CA ALA A 15 5.21 5.54 -4.95
C ALA A 15 6.15 5.22 -6.11
N THR A 16 7.44 4.96 -5.86
CA THR A 16 8.33 4.67 -6.98
C THR A 16 8.40 3.18 -7.33
N GLY A 17 7.69 2.33 -6.62
CA GLY A 17 7.76 0.90 -6.84
C GLY A 17 6.83 0.43 -7.94
N GLN A 18 6.79 -0.90 -8.12
CA GLN A 18 6.00 -1.48 -9.21
C GLN A 18 4.54 -1.03 -9.16
N THR A 19 3.87 -1.25 -8.02
CA THR A 19 2.49 -0.81 -7.87
C THR A 19 2.40 0.68 -7.61
N GLY A 20 3.38 1.23 -6.88
CA GLY A 20 3.31 2.64 -6.53
C GLY A 20 3.24 3.56 -7.74
N LEU A 21 4.00 3.24 -8.79
CA LEU A 21 4.08 4.16 -9.93
C LEU A 21 2.74 4.30 -10.63
N THR A 22 2.04 3.19 -10.82
CA THR A 22 0.72 3.26 -11.44
C THR A 22 -0.34 3.80 -10.48
N THR A 23 -0.22 3.50 -9.18
CA THR A 23 -1.10 4.13 -8.20
C THR A 23 -0.94 5.64 -8.22
N LEU A 24 0.30 6.10 -8.30
CA LEU A 24 0.57 7.53 -8.37
C LEU A 24 -0.09 8.15 -9.59
N ALA A 25 0.11 7.52 -10.76
CA ALA A 25 -0.45 8.05 -12.01
C ALA A 25 -1.97 8.08 -11.96
N GLN A 26 -2.59 7.01 -11.47
CA GLN A 26 -4.05 6.99 -11.38
C GLN A 26 -4.58 7.99 -10.36
N ALA A 27 -3.84 8.23 -9.28
CA ALA A 27 -4.30 9.18 -8.27
C ALA A 27 -4.32 10.60 -8.84
N VAL A 28 -3.26 10.97 -9.55
CA VAL A 28 -3.19 12.28 -10.19
C VAL A 28 -4.26 12.41 -11.27
N GLN A 29 -4.45 11.36 -12.07
CA GLN A 29 -5.54 11.36 -13.06
C GLN A 29 -6.89 11.62 -12.42
N ALA A 30 -7.13 11.07 -11.22
CA ALA A 30 -8.42 11.19 -10.57
C ALA A 30 -8.59 12.52 -9.86
N GLY A 31 -7.55 13.33 -9.77
CA GLY A 31 -7.66 14.65 -9.18
C GLY A 31 -7.18 14.77 -7.75
N TYR A 32 -6.51 13.75 -7.21
CA TYR A 32 -5.99 13.86 -5.87
C TYR A 32 -4.80 14.80 -5.84
N GLU A 33 -4.63 15.50 -4.72
CA GLU A 33 -3.42 16.23 -4.44
C GLU A 33 -2.50 15.26 -3.70
N VAL A 34 -1.47 14.78 -4.40
CA VAL A 34 -0.65 13.66 -3.94
C VAL A 34 0.68 14.17 -3.42
N THR A 35 1.05 13.71 -2.23
CA THR A 35 2.38 13.87 -1.66
C THR A 35 3.07 12.51 -1.60
N VAL A 36 4.35 12.47 -1.96
CA VAL A 36 5.10 11.22 -1.97
C VAL A 36 6.34 11.39 -1.11
N LEU A 37 6.75 10.31 -0.44
CA LEU A 37 8.06 10.18 0.20
C LEU A 37 8.87 9.20 -0.63
N VAL A 38 9.99 9.67 -1.20
CA VAL A 38 10.84 8.84 -2.04
C VAL A 38 12.28 8.95 -1.56
N ARG A 39 13.02 7.85 -1.69
CA ARG A 39 14.43 7.91 -1.31
C ARG A 39 15.26 8.70 -2.33
N ASP A 40 14.78 8.80 -3.56
CA ASP A 40 15.52 9.49 -4.62
C ASP A 40 14.50 9.97 -5.64
N SER A 41 14.42 11.30 -5.83
CA SER A 41 13.45 11.83 -6.80
C SER A 41 13.78 11.41 -8.22
N SER A 42 15.00 10.94 -8.48
CA SER A 42 15.34 10.41 -9.79
C SER A 42 14.51 9.19 -10.17
N ARG A 43 13.86 8.54 -9.21
CA ARG A 43 13.05 7.39 -9.56
C ARG A 43 11.58 7.73 -9.76
N LEU A 44 11.22 9.01 -9.70
CA LEU A 44 9.90 9.48 -10.08
C LEU A 44 9.85 9.81 -11.57
N PRO A 45 8.68 9.68 -12.20
CA PRO A 45 8.55 10.05 -13.61
C PRO A 45 8.85 11.52 -13.83
N SER A 46 9.47 11.82 -14.97
CA SER A 46 9.80 13.20 -15.30
C SER A 46 8.72 13.85 -16.17
N GLU A 47 7.88 13.05 -16.83
CA GLU A 47 6.74 13.57 -17.57
C GLU A 47 5.49 12.75 -17.21
N GLY A 48 4.35 13.21 -17.72
CA GLY A 48 3.09 12.57 -17.39
C GLY A 48 2.59 13.00 -16.03
N PRO A 49 1.65 12.25 -15.46
CA PRO A 49 1.12 12.59 -14.12
C PRO A 49 2.21 12.51 -13.06
N ARG A 50 2.37 13.61 -12.32
CA ARG A 50 3.37 13.74 -11.29
C ARG A 50 2.76 14.25 -9.99
N PRO A 51 3.37 13.92 -8.85
CA PRO A 51 2.77 14.33 -7.57
C PRO A 51 2.81 15.83 -7.38
N ALA A 52 1.87 16.33 -6.59
CA ALA A 52 1.88 17.75 -6.24
C ALA A 52 3.02 18.09 -5.28
N HIS A 53 3.39 17.15 -4.41
CA HIS A 53 4.42 17.41 -3.41
C HIS A 53 5.35 16.23 -3.32
N VAL A 54 6.65 16.51 -3.27
CA VAL A 54 7.69 15.49 -3.18
C VAL A 54 8.51 15.74 -1.93
N VAL A 55 8.58 14.74 -1.06
CA VAL A 55 9.50 14.73 0.07
C VAL A 55 10.55 13.69 -0.25
N VAL A 56 11.82 14.09 -0.23
CA VAL A 56 12.91 13.12 -0.42
C VAL A 56 13.46 12.73 0.95
N GLY A 57 13.43 11.45 1.25
CA GLY A 57 13.87 10.98 2.55
C GLY A 57 13.57 9.51 2.68
N ASP A 58 13.57 9.02 3.93
CA ASP A 58 13.51 7.60 4.20
C ASP A 58 12.36 7.31 5.16
N VAL A 59 11.63 6.23 4.90
CA VAL A 59 10.51 5.90 5.77
C VAL A 59 11.00 5.51 7.14
N LEU A 60 12.31 5.20 7.28
CA LEU A 60 12.91 4.84 8.56
C LEU A 60 13.30 6.07 9.38
N GLN A 61 13.18 7.27 8.81
CA GLN A 61 13.43 8.52 9.52
C GLN A 61 12.09 9.12 9.90
N ALA A 62 11.80 9.15 11.20
CA ALA A 62 10.50 9.64 11.66
C ALA A 62 10.25 11.09 11.21
N ALA A 63 11.29 11.92 11.14
CA ALA A 63 11.08 13.29 10.70
C ALA A 63 10.60 13.34 9.25
N ASP A 64 11.11 12.44 8.40
CA ASP A 64 10.70 12.41 7.00
C ASP A 64 9.27 11.94 6.85
N VAL A 65 8.88 10.95 7.65
CA VAL A 65 7.50 10.45 7.59
C VAL A 65 6.55 11.50 8.11
N ASP A 66 6.94 12.20 9.18
CA ASP A 66 6.07 13.20 9.78
C ASP A 66 5.74 14.32 8.80
N LYS A 67 6.73 14.81 8.06
CA LYS A 67 6.46 15.89 7.13
C LYS A 67 5.70 15.42 5.89
N THR A 68 5.72 14.11 5.61
CA THR A 68 4.94 13.54 4.51
C THR A 68 3.48 13.39 4.89
N VAL A 69 3.22 12.98 6.13
CA VAL A 69 1.85 12.72 6.57
C VAL A 69 1.12 14.00 6.98
N ALA A 70 1.85 15.04 7.35
CA ALA A 70 1.21 16.27 7.81
C ALA A 70 0.26 16.82 6.75
N GLY A 71 -0.96 17.16 7.16
CA GLY A 71 -1.92 17.79 6.28
C GLY A 71 -2.73 16.86 5.39
N GLN A 72 -2.52 15.54 5.44
CA GLN A 72 -3.19 14.66 4.51
C GLN A 72 -4.57 14.25 5.02
N ASP A 73 -5.42 13.82 4.10
CA ASP A 73 -6.70 13.20 4.44
C ASP A 73 -6.59 11.68 4.61
N ALA A 74 -5.65 11.04 3.92
CA ALA A 74 -5.50 9.59 3.97
C ALA A 74 -4.10 9.23 3.50
N VAL A 75 -3.71 7.98 3.75
CA VAL A 75 -2.38 7.47 3.46
C VAL A 75 -2.48 6.14 2.73
N ILE A 76 -1.69 5.99 1.67
N ILE A 76 -1.67 5.97 1.70
CA ILE A 76 -1.51 4.73 0.98
CA ILE A 76 -1.55 4.70 0.98
C ILE A 76 -0.12 4.20 1.35
C ILE A 76 -0.14 4.17 1.19
N VAL A 77 -0.02 2.91 1.58
CA VAL A 77 1.27 2.26 1.86
C VAL A 77 1.49 1.15 0.85
N LEU A 78 2.53 1.31 0.03
CA LEU A 78 2.97 0.36 -0.98
C LEU A 78 4.47 0.12 -0.86
N LEU A 79 4.94 0.11 0.39
CA LEU A 79 6.33 -0.22 0.70
C LEU A 79 6.64 -1.67 0.35
N GLY A 80 7.90 -1.93 0.06
CA GLY A 80 8.33 -3.26 -0.33
C GLY A 80 9.84 -3.29 -0.43
N THR A 81 10.37 -4.44 -0.85
CA THR A 81 11.81 -4.68 -0.85
C THR A 81 12.33 -4.91 -2.26
N ARG A 82 11.51 -4.58 -3.26
CA ARG A 82 11.86 -4.86 -4.68
C ARG A 82 12.16 -6.37 -4.82
N ASN A 83 13.33 -6.72 -5.31
CA ASN A 83 13.55 -8.17 -5.50
C ASN A 83 14.35 -8.76 -4.32
N ASP A 84 14.55 -7.98 -3.27
CA ASP A 84 15.38 -8.48 -2.16
C ASP A 84 14.51 -9.28 -1.20
N LEU A 85 14.81 -10.57 -1.06
CA LEU A 85 14.01 -11.44 -0.20
C LEU A 85 14.67 -11.72 1.14
N SER A 86 15.72 -10.98 1.48
CA SER A 86 16.41 -11.12 2.76
C SER A 86 15.51 -10.73 3.93
N PRO A 87 15.85 -11.18 5.14
CA PRO A 87 15.17 -10.68 6.33
C PRO A 87 15.19 -9.16 6.37
N THR A 88 14.10 -8.58 6.88
CA THR A 88 13.97 -7.13 6.84
C THR A 88 12.98 -6.70 7.91
N THR A 89 13.14 -5.47 8.39
CA THR A 89 12.12 -4.82 9.20
C THR A 89 11.74 -3.46 8.63
N VAL A 90 12.07 -3.20 7.35
CA VAL A 90 11.83 -1.87 6.81
C VAL A 90 10.34 -1.56 6.76
N MET A 91 9.51 -2.55 6.41
CA MET A 91 8.10 -2.29 6.25
C MET A 91 7.40 -2.10 7.59
N SER A 92 7.75 -2.93 8.58
CA SER A 92 7.11 -2.81 9.89
C SER A 92 7.60 -1.58 10.64
N GLU A 93 8.90 -1.30 10.58
CA GLU A 93 9.41 -0.06 11.18
C GLU A 93 8.89 1.17 10.45
N GLY A 94 8.83 1.12 9.13
CA GLY A 94 8.19 2.20 8.39
C GLY A 94 6.75 2.39 8.80
N ALA A 95 6.01 1.28 8.98
CA ALA A 95 4.63 1.37 9.41
C ALA A 95 4.50 1.98 10.81
N ARG A 96 5.40 1.63 11.73
CA ARG A 96 5.40 2.26 13.04
C ARG A 96 5.51 3.78 12.92
N ASN A 97 6.44 4.26 12.09
CA ASN A 97 6.61 5.69 11.91
C ASN A 97 5.39 6.33 11.27
N ILE A 98 4.77 5.64 10.32
CA ILE A 98 3.57 6.17 9.68
C ILE A 98 2.43 6.27 10.67
N VAL A 99 2.20 5.21 11.45
CA VAL A 99 1.12 5.24 12.45
C VAL A 99 1.35 6.39 13.43
N ALA A 100 2.58 6.54 13.91
CA ALA A 100 2.84 7.61 14.88
C ALA A 100 2.58 8.97 14.25
N ALA A 101 3.01 9.17 13.00
CA ALA A 101 2.76 10.45 12.34
C ALA A 101 1.27 10.69 12.12
N MET A 102 0.54 9.66 11.68
CA MET A 102 -0.90 9.83 11.48
C MET A 102 -1.58 10.19 12.79
N LYS A 103 -1.17 9.57 13.89
CA LYS A 103 -1.78 9.91 15.17
C LYS A 103 -1.48 11.35 15.57
N ALA A 104 -0.23 11.76 15.42
CA ALA A 104 0.16 13.11 15.80
C ALA A 104 -0.63 14.16 15.01
N HIS A 105 -0.91 13.88 13.74
CA HIS A 105 -1.52 14.84 12.83
C HIS A 105 -3.02 14.66 12.66
N GLY A 106 -3.62 13.66 13.30
CA GLY A 106 -5.06 13.47 13.17
C GLY A 106 -5.52 12.91 11.84
N VAL A 107 -4.66 12.20 11.10
CA VAL A 107 -5.05 11.45 9.91
C VAL A 107 -5.53 10.07 10.34
N ASP A 108 -6.71 9.65 9.86
CA ASP A 108 -7.30 8.43 10.39
C ASP A 108 -7.43 7.28 9.40
N LYS A 109 -7.14 7.49 8.11
CA LYS A 109 -7.41 6.48 7.08
C LYS A 109 -6.10 6.03 6.44
N VAL A 110 -5.82 4.72 6.53
CA VAL A 110 -4.63 4.14 5.92
C VAL A 110 -5.02 2.86 5.17
N VAL A 111 -4.58 2.78 3.92
CA VAL A 111 -4.78 1.62 3.05
C VAL A 111 -3.40 1.05 2.76
N ALA A 112 -3.13 -0.17 3.22
CA ALA A 112 -1.77 -0.67 3.22
C ALA A 112 -1.72 -2.06 2.61
N CYS A 113 -0.72 -2.27 1.75
CA CYS A 113 -0.54 -3.52 1.03
C CYS A 113 0.41 -4.43 1.80
N THR A 114 -0.04 -5.67 2.05
CA THR A 114 0.87 -6.70 2.59
C THR A 114 0.88 -7.82 1.54
N SER A 115 0.20 -8.91 1.83
CA SER A 115 0.16 -10.05 0.89
C SER A 115 -0.90 -11.07 1.32
N ALA A 116 -1.37 -11.82 0.32
CA ALA A 116 -2.36 -12.87 0.57
C ALA A 116 -1.76 -13.98 1.44
N PHE A 117 -0.43 -14.09 1.50
CA PHE A 117 0.12 -15.12 2.39
C PHE A 117 -0.34 -14.95 3.83
N LEU A 118 -0.74 -13.74 4.24
CA LEU A 118 -1.25 -13.59 5.60
C LEU A 118 -2.60 -14.29 5.77
N LEU A 119 -3.22 -14.71 4.68
CA LEU A 119 -4.46 -15.48 4.69
C LEU A 119 -4.24 -16.97 4.43
N TRP A 120 -2.99 -17.37 4.25
CA TRP A 120 -2.68 -18.78 3.93
C TRP A 120 -2.42 -19.66 5.15
N ASP A 121 -2.56 -20.96 4.95
CA ASP A 121 -2.10 -21.95 5.95
C ASP A 121 -0.60 -21.73 6.03
N PRO A 122 -0.05 -21.45 7.22
CA PRO A 122 1.39 -21.17 7.33
C PRO A 122 2.31 -22.31 6.85
N THR A 123 1.80 -23.54 6.83
CA THR A 123 2.65 -24.61 6.32
C THR A 123 2.79 -24.56 4.81
N LYS A 124 1.99 -23.74 4.12
CA LYS A 124 1.99 -23.70 2.67
C LYS A 124 2.74 -22.49 2.10
N VAL A 125 3.13 -21.54 2.93
CA VAL A 125 3.86 -20.36 2.44
C VAL A 125 5.25 -20.80 1.94
N PRO A 126 5.64 -20.45 0.73
CA PRO A 126 6.96 -20.87 0.22
C PRO A 126 8.07 -20.37 1.12
N PRO A 127 8.94 -21.27 1.60
CA PRO A 127 10.04 -20.83 2.48
C PRO A 127 10.86 -19.68 1.92
N ARG A 128 11.08 -19.62 0.59
CA ARG A 128 11.91 -18.53 0.06
C ARG A 128 11.25 -17.16 0.24
N LEU A 129 9.95 -17.11 0.39
CA LEU A 129 9.24 -15.85 0.61
C LEU A 129 8.91 -15.61 2.08
N GLN A 130 9.37 -16.48 3.00
CA GLN A 130 8.96 -16.36 4.39
C GLN A 130 9.57 -15.13 5.08
N ALA A 131 10.80 -14.75 4.73
CA ALA A 131 11.42 -13.64 5.44
C ALA A 131 10.68 -12.34 5.18
N VAL A 132 10.31 -12.10 3.91
CA VAL A 132 9.49 -10.92 3.61
C VAL A 132 8.12 -11.06 4.25
N THR A 133 7.52 -12.24 4.17
CA THR A 133 6.20 -12.43 4.77
C THR A 133 6.23 -12.14 6.26
N ASP A 134 7.33 -12.51 6.95
CA ASP A 134 7.46 -12.23 8.37
C ASP A 134 7.30 -10.74 8.65
N ASP A 135 7.87 -9.89 7.79
CA ASP A 135 7.74 -8.47 8.07
C ASP A 135 6.38 -7.94 7.63
N HIS A 136 5.75 -8.53 6.61
CA HIS A 136 4.35 -8.22 6.35
C HIS A 136 3.48 -8.51 7.56
N ILE A 137 3.72 -9.65 8.22
CA ILE A 137 2.98 -9.96 9.45
C ILE A 137 3.22 -8.88 10.50
N ARG A 138 4.48 -8.52 10.70
CA ARG A 138 4.80 -7.48 11.67
C ARG A 138 4.13 -6.15 11.34
N MET A 139 4.12 -5.78 10.05
CA MET A 139 3.52 -4.52 9.64
C MET A 139 2.01 -4.55 9.84
N HIS A 140 1.38 -5.66 9.47
CA HIS A 140 -0.05 -5.79 9.65
C HIS A 140 -0.43 -5.67 11.12
N LYS A 141 0.38 -6.24 11.99
CA LYS A 141 0.13 -6.16 13.43
C LYS A 141 0.18 -4.71 13.90
N VAL A 142 1.20 -3.97 13.46
CA VAL A 142 1.32 -2.55 13.81
C VAL A 142 0.07 -1.78 13.37
N LEU A 143 -0.39 -2.05 12.15
CA LEU A 143 -1.52 -1.28 11.64
C LEU A 143 -2.83 -1.72 12.28
N ARG A 144 -3.01 -3.03 12.47
CA ARG A 144 -4.24 -3.50 13.11
C ARG A 144 -4.37 -3.00 14.55
N GLU A 145 -3.25 -2.88 15.26
CA GLU A 145 -3.28 -2.44 16.65
C GLU A 145 -3.33 -0.92 16.79
N SER A 146 -3.18 -0.18 15.70
CA SER A 146 -3.11 1.28 15.79
C SER A 146 -4.44 1.92 16.14
N GLY A 147 -5.56 1.24 15.88
CA GLY A 147 -6.86 1.87 16.05
C GLY A 147 -7.27 2.82 14.95
N LEU A 148 -6.45 2.96 13.90
CA LEU A 148 -6.80 3.79 12.76
C LEU A 148 -7.79 3.06 11.86
N LYS A 149 -8.43 3.80 10.96
CA LYS A 149 -9.26 3.16 9.94
C LYS A 149 -8.34 2.52 8.93
N TYR A 150 -8.16 1.21 9.02
CA TYR A 150 -7.12 0.47 8.31
C TYR A 150 -7.77 -0.53 7.36
N VAL A 151 -7.50 -0.37 6.06
CA VAL A 151 -7.86 -1.40 5.07
C VAL A 151 -6.60 -2.20 4.78
N ALA A 152 -6.66 -3.50 5.08
CA ALA A 152 -5.53 -4.42 4.90
C ALA A 152 -5.68 -5.04 3.52
N VAL A 153 -4.89 -4.57 2.57
CA VAL A 153 -4.94 -5.09 1.20
C VAL A 153 -3.92 -6.21 1.08
N MET A 154 -4.40 -7.39 0.69
CA MET A 154 -3.61 -8.62 0.76
C MET A 154 -3.64 -9.31 -0.60
N PRO A 155 -2.84 -8.83 -1.55
CA PRO A 155 -2.95 -9.32 -2.93
C PRO A 155 -2.20 -10.63 -3.13
N PRO A 156 -2.63 -11.44 -4.09
CA PRO A 156 -1.80 -12.55 -4.55
C PRO A 156 -0.70 -12.04 -5.46
N HIS A 157 -0.25 -12.86 -6.41
CA HIS A 157 0.82 -12.45 -7.31
C HIS A 157 0.46 -11.17 -8.05
N ILE A 158 1.41 -10.22 -8.11
CA ILE A 158 1.19 -8.94 -8.78
C ILE A 158 1.73 -9.03 -10.20
N GLY A 159 0.85 -8.94 -11.19
CA GLY A 159 1.23 -9.05 -12.59
C GLY A 159 1.30 -7.71 -13.32
N ASP A 160 1.66 -7.79 -14.60
CA ASP A 160 1.77 -6.59 -15.42
C ASP A 160 0.67 -6.53 -16.48
N GLN A 161 -0.44 -7.22 -16.25
CA GLN A 161 -1.58 -7.19 -17.14
C GLN A 161 -2.23 -5.81 -17.12
N PRO A 162 -3.13 -5.52 -18.05
CA PRO A 162 -3.68 -4.15 -18.13
C PRO A 162 -4.57 -3.82 -16.94
N LEU A 163 -4.84 -2.52 -16.83
CA LEU A 163 -5.91 -2.04 -15.98
C LEU A 163 -7.26 -2.49 -16.54
N THR A 164 -8.12 -3.03 -15.67
CA THR A 164 -9.44 -3.46 -16.10
C THR A 164 -10.54 -2.86 -15.23
N GLY A 165 -10.26 -2.61 -13.96
CA GLY A 165 -11.30 -2.21 -13.03
C GLY A 165 -12.37 -3.28 -12.80
N ALA A 166 -12.12 -4.50 -13.28
CA ALA A 166 -13.13 -5.55 -13.32
C ALA A 166 -12.81 -6.71 -12.38
N TYR A 167 -11.80 -6.54 -11.52
CA TYR A 167 -11.36 -7.56 -10.59
C TYR A 167 -12.40 -7.85 -9.51
N THR A 168 -12.24 -9.00 -8.87
CA THR A 168 -13.07 -9.40 -7.74
C THR A 168 -12.39 -8.96 -6.43
N VAL A 169 -13.19 -8.50 -5.47
CA VAL A 169 -12.68 -8.15 -4.15
C VAL A 169 -13.27 -9.13 -3.15
N THR A 170 -12.42 -9.97 -2.56
CA THR A 170 -12.84 -10.97 -1.58
C THR A 170 -12.50 -10.46 -0.19
N LEU A 171 -13.47 -10.52 0.71
CA LEU A 171 -13.33 -10.00 2.05
C LEU A 171 -12.92 -11.10 3.03
N ASP A 172 -11.84 -10.86 3.77
CA ASP A 172 -11.49 -11.69 4.94
C ASP A 172 -11.25 -13.15 4.55
N GLY A 173 -10.68 -13.36 3.37
CA GLY A 173 -10.36 -14.70 2.92
C GLY A 173 -9.75 -14.64 1.53
N ARG A 174 -9.34 -15.82 1.04
N ARG A 174 -9.35 -15.82 1.05
CA ARG A 174 -8.71 -15.91 -0.27
CA ARG A 174 -8.72 -15.91 -0.28
C ARG A 174 -9.76 -15.93 -1.37
C ARG A 174 -9.78 -15.90 -1.37
N GLY A 175 -9.42 -15.33 -2.51
CA GLY A 175 -10.34 -15.26 -3.63
C GLY A 175 -10.04 -16.27 -4.73
N PRO A 176 -10.83 -16.23 -5.81
CA PRO A 176 -10.79 -17.31 -6.81
C PRO A 176 -9.70 -17.20 -7.86
N SER A 177 -8.93 -16.12 -7.91
CA SER A 177 -7.78 -16.05 -8.80
C SER A 177 -6.52 -15.81 -7.97
N ARG A 178 -5.37 -16.22 -8.52
CA ARG A 178 -4.10 -16.05 -7.84
C ARG A 178 -3.26 -14.92 -8.45
N VAL A 179 -3.87 -14.04 -9.22
N VAL A 179 -3.87 -14.00 -9.31
CA VAL A 179 -3.14 -12.90 -9.80
CA VAL A 179 -3.13 -12.86 -9.89
C VAL A 179 -4.00 -11.64 -9.75
C VAL A 179 -3.99 -11.60 -9.84
N ILE A 180 -3.34 -10.51 -9.54
CA ILE A 180 -3.92 -9.19 -9.72
C ILE A 180 -2.91 -8.34 -10.49
N SER A 181 -3.37 -7.59 -11.49
CA SER A 181 -2.42 -6.74 -12.17
C SER A 181 -2.04 -5.58 -11.27
N LYS A 182 -0.79 -5.13 -11.40
CA LYS A 182 -0.34 -3.98 -10.63
C LYS A 182 -1.27 -2.78 -10.83
N HIS A 183 -1.79 -2.60 -12.05
CA HIS A 183 -2.70 -1.48 -12.31
C HIS A 183 -4.01 -1.65 -11.58
N ASP A 184 -4.57 -2.86 -11.62
CA ASP A 184 -5.80 -3.11 -10.87
C ASP A 184 -5.57 -3.02 -9.35
N LEU A 185 -4.42 -3.47 -8.85
CA LEU A 185 -4.14 -3.31 -7.42
C LEU A 185 -4.11 -1.84 -7.05
N GLY A 186 -3.45 -1.02 -7.87
CA GLY A 186 -3.43 0.41 -7.60
C GLY A 186 -4.81 1.02 -7.65
N HIS A 187 -5.58 0.65 -8.67
CA HIS A 187 -6.99 1.06 -8.78
C HIS A 187 -7.73 0.75 -7.48
N PHE A 188 -7.53 -0.46 -6.94
CA PHE A 188 -8.28 -0.84 -5.75
C PHE A 188 -7.86 -0.03 -4.52
N MET A 189 -6.55 0.21 -4.37
N MET A 189 -6.57 0.27 -4.36
CA MET A 189 -6.04 1.04 -3.26
CA MET A 189 -6.19 1.01 -3.18
C MET A 189 -6.76 2.38 -3.24
C MET A 189 -6.67 2.46 -3.22
N LEU A 190 -6.89 3.01 -4.42
CA LEU A 190 -7.56 4.29 -4.52
C LEU A 190 -9.07 4.17 -4.28
N ARG A 191 -9.68 3.07 -4.75
CA ARG A 191 -11.10 2.85 -4.44
C ARG A 191 -11.36 2.84 -2.94
N CYS A 192 -10.42 2.28 -2.16
CA CYS A 192 -10.54 2.24 -0.70
C CYS A 192 -10.52 3.62 -0.06
N LEU A 193 -10.11 4.65 -0.78
CA LEU A 193 -10.19 6.02 -0.28
C LEU A 193 -11.59 6.61 -0.39
N THR A 194 -12.46 6.02 -1.21
CA THR A 194 -13.77 6.60 -1.47
C THR A 194 -14.87 5.93 -0.68
N THR A 195 -14.56 4.91 0.12
CA THR A 195 -15.56 4.19 0.86
C THR A 195 -14.95 3.74 2.17
N ASP A 196 -15.77 3.61 3.21
CA ASP A 196 -15.34 3.00 4.46
C ASP A 196 -15.74 1.54 4.57
N GLU A 197 -16.38 0.97 3.55
CA GLU A 197 -16.97 -0.37 3.67
C GLU A 197 -15.92 -1.45 3.86
N TYR A 198 -14.64 -1.17 3.58
CA TYR A 198 -13.57 -2.14 3.77
C TYR A 198 -12.77 -1.90 5.04
N ASP A 199 -13.05 -0.84 5.79
CA ASP A 199 -12.29 -0.53 6.99
C ASP A 199 -12.37 -1.69 7.98
N GLY A 200 -11.21 -2.10 8.51
CA GLY A 200 -11.15 -3.17 9.48
C GLY A 200 -11.24 -4.57 8.89
N HIS A 201 -11.35 -4.68 7.58
CA HIS A 201 -11.34 -5.95 6.86
C HIS A 201 -9.99 -6.18 6.19
N SER A 202 -9.74 -7.44 5.85
N SER A 202 -9.74 -7.44 5.86
CA SER A 202 -8.72 -7.79 4.88
CA SER A 202 -8.72 -7.79 4.88
C SER A 202 -9.38 -7.94 3.52
C SER A 202 -9.38 -7.93 3.53
N THR A 203 -8.69 -7.47 2.48
CA THR A 203 -9.24 -7.46 1.14
C THR A 203 -8.27 -8.16 0.20
N TYR A 204 -8.80 -9.04 -0.63
CA TYR A 204 -8.03 -9.84 -1.59
C TYR A 204 -8.53 -9.48 -2.98
N PRO A 205 -7.85 -8.61 -3.72
CA PRO A 205 -8.25 -8.31 -5.10
C PRO A 205 -7.65 -9.35 -6.04
N SER A 206 -8.46 -9.89 -6.95
CA SER A 206 -7.91 -10.84 -7.91
C SER A 206 -8.75 -10.82 -9.19
N HIS A 207 -8.14 -11.29 -10.28
CA HIS A 207 -8.86 -11.32 -11.57
C HIS A 207 -8.28 -12.36 -12.52
N GLN A 208 -9.08 -12.72 -13.53
CA GLN A 208 -8.56 -13.59 -14.61
C GLN A 208 -8.34 -12.68 -15.83
N TYR A 209 -7.11 -12.65 -16.33
CA TYR A 209 -6.78 -11.84 -17.52
C TYR A 209 -6.70 -12.76 -18.75
#